data_3RO9
#
_entry.id   3RO9
#
_cell.length_a   42.260
_cell.length_b   42.260
_cell.length_c   238.690
_cell.angle_alpha   90.000
_cell.angle_beta   90.000
_cell.angle_gamma   90.000
#
_symmetry.space_group_name_H-M   'P 41'
#
loop_
_entity.id
_entity.type
_entity.pdbx_description
1 polymer 'Strain CBS138 chromosome J complete sequence'
2 non-polymer 'NADPH DIHYDRO-NICOTINAMIDE-ADENINE-DINUCLEOTIDE PHOSPHATE'
3 non-polymer 6-ethyl-5-{(3R)-3-[3-methoxy-5-(pyridin-4-yl)phenyl]but-1-yn-1-yl}pyrimidine-2,4-diamine
4 water water
#
_entity_poly.entity_id   1
_entity_poly.type   'polypeptide(L)'
_entity_poly.pdbx_seq_one_letter_code
;KVPVVGIVAALLPEMGIGFQGNLPWRLAKEMKYFREVTTLTNDNSKQNVVIMGRKTWESIPQKFRPLPKRINVVVSRSFD
GELRKVEDGIYHSNSLRNCLTALQSSLANENKIERIYIIGGGEIYRQSMDLADHWLITKIMPLPETTIPQMDTFLQKQEL
EQRFYDNSDKLVDFLPSSIQLEGRLTSQEWNGELVKGLPVQEKGYQFYFTLYTKKLEHHHHHHHH
;
_entity_poly.pdbx_strand_id   A,B
#
# COMPACT_ATOMS: atom_id res chain seq x y z
N LYS A 1 11.97 -9.68 -8.17
CA LYS A 1 12.70 -10.33 -9.29
C LYS A 1 11.71 -11.02 -10.23
N VAL A 2 10.55 -11.37 -9.70
CA VAL A 2 9.47 -11.95 -10.50
C VAL A 2 8.38 -10.87 -10.66
N PRO A 3 7.94 -10.64 -11.91
CA PRO A 3 6.95 -9.58 -12.19
C PRO A 3 5.60 -9.83 -11.53
N VAL A 4 5.03 -8.78 -10.94
CA VAL A 4 3.71 -8.84 -10.32
C VAL A 4 2.70 -8.14 -11.23
N VAL A 5 1.73 -8.89 -11.75
CA VAL A 5 0.78 -8.38 -12.72
C VAL A 5 -0.66 -8.56 -12.25
N GLY A 6 -1.43 -7.48 -12.27
CA GLY A 6 -2.86 -7.58 -11.96
C GLY A 6 -3.63 -7.80 -13.24
N ILE A 7 -4.66 -8.64 -13.19
CA ILE A 7 -5.50 -8.91 -14.38
C ILE A 7 -6.99 -8.83 -14.05
N VAL A 8 -7.73 -8.10 -14.88
CA VAL A 8 -9.15 -7.84 -14.60
C VAL A 8 -9.96 -7.48 -15.85
N ALA A 9 -11.26 -7.73 -15.79
CA ALA A 9 -12.21 -7.32 -16.84
C ALA A 9 -13.19 -6.31 -16.25
N ALA A 10 -13.23 -5.12 -16.82
CA ALA A 10 -14.05 -4.02 -16.29
C ALA A 10 -14.93 -3.35 -17.35
N LEU A 11 -16.15 -2.98 -16.96
CA LEU A 11 -17.10 -2.32 -17.86
C LEU A 11 -16.97 -0.81 -17.75
N LEU A 12 -16.63 -0.17 -18.86
CA LEU A 12 -16.49 1.28 -18.89
C LEU A 12 -17.88 1.93 -18.81
N PRO A 13 -17.94 3.20 -18.34
CA PRO A 13 -16.84 4.08 -17.96
C PRO A 13 -16.40 4.02 -16.49
N GLU A 14 -17.23 3.41 -15.65
CA GLU A 14 -16.97 3.37 -14.20
C GLU A 14 -16.08 2.20 -13.78
N MET A 15 -15.83 1.28 -14.72
CA MET A 15 -14.99 0.11 -14.46
C MET A 15 -15.60 -0.86 -13.44
N GLY A 16 -16.88 -1.14 -13.61
CA GLY A 16 -17.55 -2.10 -12.76
C GLY A 16 -17.00 -3.49 -13.05
N ILE A 17 -16.77 -4.27 -11.99
CA ILE A 17 -16.15 -5.58 -12.15
C ILE A 17 -17.01 -6.74 -11.63
N GLY A 18 -17.97 -6.44 -10.76
CA GLY A 18 -18.83 -7.46 -10.20
C GLY A 18 -20.13 -6.93 -9.61
N PHE A 19 -21.09 -7.82 -9.43
CA PHE A 19 -22.38 -7.48 -8.84
C PHE A 19 -22.90 -8.65 -8.01
N GLN A 20 -23.19 -8.37 -6.74
CA GLN A 20 -23.72 -9.37 -5.81
C GLN A 20 -22.90 -10.66 -5.77
N GLY A 21 -21.57 -10.52 -5.66
CA GLY A 21 -20.66 -11.65 -5.56
C GLY A 21 -20.34 -12.38 -6.86
N ASN A 22 -20.87 -11.88 -7.97
CA ASN A 22 -20.64 -12.48 -9.28
C ASN A 22 -20.22 -11.47 -10.33
N LEU A 23 -20.01 -11.95 -11.55
CA LEU A 23 -19.72 -11.11 -12.70
C LEU A 23 -21.06 -10.61 -13.25
N PRO A 24 -21.09 -9.35 -13.73
CA PRO A 24 -22.32 -8.79 -14.30
C PRO A 24 -22.65 -9.35 -15.69
N TRP A 25 -21.76 -10.18 -16.24
CA TRP A 25 -21.94 -10.73 -17.57
C TRP A 25 -21.40 -12.16 -17.66
N ARG A 26 -21.63 -12.78 -18.81
CA ARG A 26 -21.09 -14.09 -19.11
C ARG A 26 -20.64 -14.08 -20.56
N LEU A 27 -19.34 -13.96 -20.76
CA LEU A 27 -18.78 -13.91 -22.11
C LEU A 27 -17.69 -14.95 -22.29
N ALA A 28 -18.00 -15.97 -23.09
CA ALA A 28 -17.07 -17.07 -23.35
C ALA A 28 -15.71 -16.59 -23.83
N LYS A 29 -15.71 -15.69 -24.82
CA LYS A 29 -14.45 -15.19 -25.37
C LYS A 29 -13.56 -14.47 -24.35
N GLU A 30 -14.17 -13.81 -23.36
CA GLU A 30 -13.41 -13.10 -22.34
C GLU A 30 -12.80 -14.07 -21.32
N MET A 31 -13.52 -15.15 -21.02
CA MET A 31 -13.04 -16.17 -20.08
C MET A 31 -11.88 -16.93 -20.73
N LYS A 32 -11.96 -17.07 -22.04
CA LYS A 32 -10.94 -17.76 -22.83
C LYS A 32 -9.60 -17.02 -22.74
N TYR A 33 -9.65 -15.69 -22.91
CA TYR A 33 -8.44 -14.87 -22.79
C TYR A 33 -7.83 -14.94 -21.39
N PHE A 34 -8.68 -14.81 -20.38
CA PHE A 34 -8.23 -14.87 -18.99
C PHE A 34 -7.57 -16.22 -18.64
N ARG A 35 -8.19 -17.30 -19.08
CA ARG A 35 -7.64 -18.63 -18.82
C ARG A 35 -6.29 -18.84 -19.48
N GLU A 36 -6.19 -18.46 -20.75
CA GLU A 36 -4.95 -18.65 -21.50
C GLU A 36 -3.78 -17.80 -21.02
N VAL A 37 -4.04 -16.54 -20.66
CA VAL A 37 -2.99 -15.64 -20.18
C VAL A 37 -2.39 -16.10 -18.85
N THR A 38 -3.26 -16.40 -17.90
CA THR A 38 -2.83 -16.83 -16.57
C THR A 38 -2.18 -18.22 -16.58
N THR A 39 -2.62 -19.07 -17.51
CA THR A 39 -2.09 -20.42 -17.61
C THR A 39 -0.77 -20.50 -18.37
N LEU A 40 -0.75 -19.97 -19.59
CA LEU A 40 0.43 -20.06 -20.44
C LEU A 40 1.66 -19.31 -19.87
N THR A 41 2.84 -19.90 -20.10
CA THR A 41 4.12 -19.27 -19.73
C THR A 41 5.10 -19.43 -20.89
N ASN A 42 6.18 -18.65 -20.87
CA ASN A 42 7.22 -18.77 -21.88
C ASN A 42 8.19 -19.91 -21.59
N ASP A 43 8.37 -20.22 -20.31
CA ASP A 43 9.25 -21.32 -19.90
C ASP A 43 8.37 -22.47 -19.43
N ASN A 44 8.39 -23.57 -20.19
CA ASN A 44 7.55 -24.75 -19.93
C ASN A 44 7.73 -25.38 -18.56
N SER A 45 8.85 -25.08 -17.90
CA SER A 45 9.18 -25.63 -16.58
C SER A 45 8.71 -24.72 -15.46
N LYS A 46 8.04 -23.64 -15.83
CA LYS A 46 7.53 -22.70 -14.83
C LYS A 46 6.02 -22.64 -14.88
N GLN A 47 5.44 -22.16 -13.80
CA GLN A 47 4.02 -21.92 -13.76
C GLN A 47 3.82 -20.50 -13.26
N ASN A 48 2.62 -19.99 -13.43
CA ASN A 48 2.29 -18.68 -12.93
C ASN A 48 1.56 -18.85 -11.61
N VAL A 49 1.63 -17.83 -10.77
CA VAL A 49 0.87 -17.83 -9.53
C VAL A 49 -0.41 -17.01 -9.73
N VAL A 50 -1.53 -17.51 -9.19
CA VAL A 50 -2.76 -16.73 -9.16
C VAL A 50 -3.12 -16.46 -7.71
N ILE A 51 -3.06 -15.18 -7.34
CA ILE A 51 -3.42 -14.76 -5.98
C ILE A 51 -4.78 -14.07 -6.00
N MET A 52 -5.65 -14.47 -5.08
CA MET A 52 -7.00 -13.91 -5.05
C MET A 52 -7.49 -13.74 -3.62
N GLY A 53 -8.41 -12.79 -3.44
CA GLY A 53 -9.08 -12.61 -2.17
C GLY A 53 -9.96 -13.80 -1.89
N ARG A 54 -10.31 -14.00 -0.62
CA ARG A 54 -11.12 -15.14 -0.23
C ARG A 54 -12.53 -15.12 -0.84
N LYS A 55 -13.08 -13.93 -1.09
CA LYS A 55 -14.43 -13.83 -1.63
C LYS A 55 -14.51 -14.17 -3.13
N THR A 56 -13.42 -13.93 -3.86
CA THR A 56 -13.35 -14.24 -5.26
C THR A 56 -13.29 -15.74 -5.43
N TRP A 57 -12.59 -16.40 -4.51
CA TRP A 57 -12.45 -17.85 -4.49
C TRP A 57 -13.80 -18.55 -4.33
N GLU A 58 -14.66 -18.01 -3.47
CA GLU A 58 -15.97 -18.60 -3.22
C GLU A 58 -16.95 -18.34 -4.36
N SER A 59 -16.60 -17.42 -5.25
CA SER A 59 -17.46 -17.10 -6.39
C SER A 59 -17.19 -17.99 -7.59
N ILE A 60 -16.06 -18.69 -7.56
CA ILE A 60 -15.70 -19.60 -8.64
C ILE A 60 -16.44 -20.92 -8.46
N PRO A 61 -17.13 -21.39 -9.52
CA PRO A 61 -17.82 -22.68 -9.43
C PRO A 61 -16.87 -23.77 -8.95
N GLN A 62 -17.35 -24.60 -8.02
CA GLN A 62 -16.54 -25.66 -7.42
C GLN A 62 -15.91 -26.62 -8.42
N LYS A 63 -16.52 -26.75 -9.59
CA LYS A 63 -15.99 -27.64 -10.61
C LYS A 63 -14.70 -27.10 -11.23
N PHE A 64 -14.57 -25.78 -11.26
CA PHE A 64 -13.43 -25.14 -11.89
C PHE A 64 -12.36 -24.62 -10.93
N ARG A 65 -12.49 -24.94 -9.64
CA ARG A 65 -11.53 -24.46 -8.62
C ARG A 65 -10.85 -25.63 -7.86
N PRO A 66 -9.54 -25.50 -7.58
CA PRO A 66 -8.68 -24.37 -7.94
C PRO A 66 -8.45 -24.30 -9.45
N LEU A 67 -8.06 -23.13 -9.94
CA LEU A 67 -7.82 -22.99 -11.38
C LEU A 67 -6.66 -23.87 -11.80
N PRO A 68 -6.89 -24.74 -12.79
CA PRO A 68 -5.91 -25.71 -13.27
C PRO A 68 -4.64 -25.10 -13.85
N LYS A 69 -3.53 -25.79 -13.63
CA LYS A 69 -2.21 -25.45 -14.20
C LYS A 69 -1.59 -24.19 -13.62
N ARG A 70 -2.21 -23.64 -12.59
CA ARG A 70 -1.70 -22.43 -11.95
C ARG A 70 -1.63 -22.61 -10.45
N ILE A 71 -0.56 -22.10 -9.83
CA ILE A 71 -0.44 -22.12 -8.39
C ILE A 71 -1.47 -21.14 -7.80
N ASN A 72 -2.40 -21.68 -7.01
CA ASN A 72 -3.45 -20.86 -6.40
C ASN A 72 -3.06 -20.40 -5.02
N VAL A 73 -3.29 -19.11 -4.76
CA VAL A 73 -3.03 -18.54 -3.45
C VAL A 73 -4.23 -17.72 -3.00
N VAL A 74 -4.87 -18.16 -1.92
CA VAL A 74 -6.00 -17.45 -1.35
C VAL A 74 -5.51 -16.73 -0.08
N VAL A 75 -5.80 -15.44 0.03
CA VAL A 75 -5.39 -14.65 1.19
C VAL A 75 -6.55 -14.30 2.09
N SER A 76 -6.35 -14.47 3.39
CA SER A 76 -7.40 -14.22 4.37
C SER A 76 -6.80 -13.86 5.71
N ARG A 77 -7.34 -12.81 6.34
CA ARG A 77 -6.87 -12.34 7.64
C ARG A 77 -6.97 -13.46 8.68
N SER A 78 -7.73 -14.51 8.33
CA SER A 78 -7.98 -15.63 9.25
C SER A 78 -7.10 -16.87 9.04
N PHE A 79 -6.10 -16.77 8.16
CA PHE A 79 -5.18 -17.89 7.95
C PHE A 79 -3.95 -17.79 8.88
N ASP A 80 -3.09 -18.80 8.83
CA ASP A 80 -1.99 -18.91 9.78
C ASP A 80 -0.71 -18.16 9.41
N GLY A 81 0.17 -18.81 8.65
CA GLY A 81 1.46 -18.22 8.28
C GLY A 81 1.37 -17.19 7.17
N GLU A 82 2.52 -16.75 6.67
CA GLU A 82 2.55 -15.79 5.58
C GLU A 82 2.40 -16.47 4.23
N LEU A 83 2.58 -17.79 4.23
CA LEU A 83 2.45 -18.61 3.02
C LEU A 83 2.58 -20.07 3.40
N ARG A 84 1.52 -20.84 3.22
CA ARG A 84 1.54 -22.25 3.57
C ARG A 84 0.60 -23.07 2.72
N LYS A 85 1.04 -24.27 2.39
CA LYS A 85 0.24 -25.18 1.59
C LYS A 85 -0.90 -25.76 2.45
N VAL A 86 -2.10 -25.79 1.89
CA VAL A 86 -3.24 -26.38 2.60
C VAL A 86 -3.77 -27.59 1.84
N GLU A 87 -3.64 -27.56 0.51
CA GLU A 87 -4.05 -28.66 -0.36
C GLU A 87 -3.24 -28.66 -1.65
N ASP A 88 -3.55 -29.60 -2.54
CA ASP A 88 -2.83 -29.70 -3.80
C ASP A 88 -3.20 -28.56 -4.73
N GLY A 89 -2.24 -27.68 -4.96
CA GLY A 89 -2.42 -26.55 -5.86
C GLY A 89 -2.95 -25.32 -5.13
N ILE A 90 -3.13 -25.45 -3.83
CA ILE A 90 -3.71 -24.36 -3.03
C ILE A 90 -2.79 -23.93 -1.87
N TYR A 91 -2.48 -22.64 -1.83
CA TYR A 91 -1.73 -22.05 -0.72
C TYR A 91 -2.60 -21.06 0.02
N HIS A 92 -2.45 -21.03 1.32
CA HIS A 92 -3.18 -20.09 2.17
C HIS A 92 -2.22 -19.09 2.79
N SER A 93 -2.57 -17.82 2.70
CA SER A 93 -1.74 -16.76 3.28
C SER A 93 -2.56 -15.77 4.08
N ASN A 94 -1.99 -15.27 5.17
CA ASN A 94 -2.68 -14.30 6.00
C ASN A 94 -2.29 -12.87 5.67
N SER A 95 -1.35 -12.71 4.73
CA SER A 95 -0.85 -11.39 4.34
C SER A 95 -0.48 -11.32 2.86
N LEU A 96 -1.17 -10.46 2.12
CA LEU A 96 -0.85 -10.26 0.70
C LEU A 96 0.59 -9.77 0.52
N ARG A 97 1.02 -8.86 1.41
CA ARG A 97 2.38 -8.29 1.34
C ARG A 97 3.49 -9.29 1.64
N ASN A 98 3.42 -9.95 2.79
CA ASN A 98 4.42 -10.93 3.17
C ASN A 98 4.37 -12.12 2.24
N CYS A 99 3.19 -12.38 1.70
CA CYS A 99 3.01 -13.45 0.73
C CYS A 99 3.90 -13.21 -0.49
N LEU A 100 3.91 -11.96 -0.96
CA LEU A 100 4.74 -11.58 -2.10
C LEU A 100 6.23 -11.64 -1.78
N THR A 101 6.62 -11.15 -0.60
CA THR A 101 8.02 -11.20 -0.21
C THR A 101 8.50 -12.65 -0.22
N ALA A 102 7.71 -13.53 0.38
CA ALA A 102 8.01 -14.95 0.45
C ALA A 102 8.17 -15.56 -0.95
N LEU A 103 7.20 -15.29 -1.83
CA LEU A 103 7.27 -15.80 -3.20
C LEU A 103 8.53 -15.32 -3.94
N GLN A 104 8.98 -14.11 -3.64
CA GLN A 104 10.15 -13.52 -4.31
C GLN A 104 11.48 -14.18 -3.94
N SER A 105 11.52 -14.84 -2.78
CA SER A 105 12.71 -15.52 -2.31
C SER A 105 13.10 -16.65 -3.25
N SER A 106 14.28 -16.53 -3.88
CA SER A 106 14.72 -17.54 -4.84
C SER A 106 15.10 -18.88 -4.17
N LEU A 107 15.27 -18.86 -2.85
CA LEU A 107 15.51 -20.08 -2.10
C LEU A 107 14.24 -20.93 -2.09
N ALA A 108 13.11 -20.27 -1.84
CA ALA A 108 11.81 -20.94 -1.73
C ALA A 108 11.21 -21.37 -3.07
N ASN A 109 11.20 -20.46 -4.03
CA ASN A 109 10.57 -20.72 -5.34
C ASN A 109 11.54 -21.34 -6.35
N GLU A 110 12.81 -21.42 -5.97
CA GLU A 110 13.89 -21.91 -6.84
C GLU A 110 13.76 -21.46 -8.29
N ASN A 111 13.41 -20.18 -8.45
CA ASN A 111 13.26 -19.57 -9.77
C ASN A 111 12.39 -20.38 -10.75
N LYS A 112 11.30 -20.94 -10.24
CA LYS A 112 10.35 -21.66 -11.10
C LYS A 112 8.96 -21.04 -11.21
N ILE A 113 8.88 -19.76 -10.85
CA ILE A 113 7.67 -18.96 -11.00
C ILE A 113 7.97 -17.94 -12.08
N GLU A 114 7.21 -17.96 -13.17
CA GLU A 114 7.44 -16.99 -14.24
C GLU A 114 6.82 -15.66 -13.86
N ARG A 115 5.54 -15.69 -13.50
CA ARG A 115 4.82 -14.47 -13.10
C ARG A 115 3.86 -14.70 -11.95
N ILE A 116 3.53 -13.62 -11.27
CA ILE A 116 2.56 -13.61 -10.18
C ILE A 116 1.35 -12.77 -10.62
N TYR A 117 0.21 -13.44 -10.80
CA TYR A 117 -1.02 -12.78 -11.20
C TYR A 117 -1.98 -12.53 -10.04
N ILE A 118 -2.41 -11.29 -9.90
CA ILE A 118 -3.43 -10.96 -8.92
C ILE A 118 -4.75 -10.93 -9.67
N ILE A 119 -5.55 -11.99 -9.48
CA ILE A 119 -6.71 -12.25 -10.32
C ILE A 119 -8.08 -11.86 -9.79
N GLY A 120 -8.13 -11.15 -8.67
CA GLY A 120 -9.44 -10.76 -8.23
C GLY A 120 -9.68 -10.25 -6.84
N GLY A 121 -10.84 -9.64 -6.70
CA GLY A 121 -11.26 -8.99 -5.50
C GLY A 121 -11.08 -7.51 -5.66
N GLY A 122 -12.15 -6.75 -5.43
CA GLY A 122 -12.07 -5.31 -5.45
C GLY A 122 -11.17 -4.88 -4.30
N GLU A 123 -11.33 -5.56 -3.17
CA GLU A 123 -10.54 -5.29 -1.98
C GLU A 123 -9.07 -5.66 -2.22
N ILE A 124 -8.85 -6.75 -2.94
CA ILE A 124 -7.48 -7.16 -3.27
C ILE A 124 -6.84 -6.20 -4.29
N TYR A 125 -7.62 -5.81 -5.30
CA TYR A 125 -7.11 -4.88 -6.32
C TYR A 125 -6.68 -3.54 -5.74
N ARG A 126 -7.39 -3.05 -4.74
CA ARG A 126 -7.06 -1.77 -4.09
C ARG A 126 -5.70 -1.76 -3.40
N GLN A 127 -5.28 -2.91 -2.90
CA GLN A 127 -4.01 -3.02 -2.19
C GLN A 127 -2.86 -3.39 -3.13
N SER A 128 -3.21 -3.74 -4.37
CA SER A 128 -2.22 -4.15 -5.36
C SER A 128 -1.55 -2.98 -6.09
N MET A 129 -2.17 -1.80 -6.03
CA MET A 129 -1.66 -0.62 -6.75
C MET A 129 -0.16 -0.33 -6.49
N ASP A 130 0.27 -0.46 -5.23
CA ASP A 130 1.69 -0.28 -4.91
C ASP A 130 2.51 -1.53 -5.21
N LEU A 131 1.87 -2.68 -5.08
CA LEU A 131 2.55 -3.96 -5.26
C LEU A 131 2.85 -4.34 -6.70
N ALA A 132 1.87 -4.16 -7.59
CA ALA A 132 1.99 -4.63 -8.96
C ALA A 132 2.94 -3.83 -9.84
N ASP A 133 3.55 -4.52 -10.80
CA ASP A 133 4.41 -3.89 -11.79
C ASP A 133 3.58 -3.48 -13.02
N HIS A 134 2.57 -4.29 -13.35
CA HIS A 134 1.75 -4.08 -14.55
C HIS A 134 0.28 -4.35 -14.30
N TRP A 135 -0.55 -4.11 -15.31
CA TRP A 135 -1.99 -4.41 -15.22
C TRP A 135 -2.57 -4.84 -16.57
N LEU A 136 -3.24 -5.99 -16.58
CA LEU A 136 -3.97 -6.44 -17.78
C LEU A 136 -5.46 -6.19 -17.54
N ILE A 137 -6.03 -5.30 -18.35
CA ILE A 137 -7.39 -4.86 -18.15
C ILE A 137 -8.25 -5.04 -19.38
N THR A 138 -9.37 -5.71 -19.22
CA THR A 138 -10.31 -5.87 -20.31
C THR A 138 -11.39 -4.80 -20.18
N LYS A 139 -11.37 -3.83 -21.08
CA LYS A 139 -12.34 -2.75 -21.07
C LYS A 139 -13.60 -3.14 -21.87
N ILE A 140 -14.75 -3.14 -21.20
CA ILE A 140 -16.00 -3.59 -21.83
C ILE A 140 -17.03 -2.47 -22.04
N MET A 141 -17.72 -2.53 -23.18
CA MET A 141 -18.74 -1.54 -23.54
C MET A 141 -19.98 -2.21 -24.10
N PRO A 142 -21.16 -1.87 -23.55
CA PRO A 142 -22.42 -2.38 -24.08
C PRO A 142 -22.74 -1.73 -25.41
N LEU A 143 -23.18 -2.51 -26.38
CA LEU A 143 -23.55 -1.98 -27.69
C LEU A 143 -24.85 -1.18 -27.57
N PRO A 144 -25.12 -0.31 -28.55
CA PRO A 144 -26.29 0.58 -28.59
C PRO A 144 -27.61 -0.03 -28.06
N GLU A 145 -27.97 -1.21 -28.56
CA GLU A 145 -29.24 -1.83 -28.19
C GLU A 145 -29.19 -2.62 -26.86
N THR A 146 -27.99 -2.74 -26.30
CA THR A 146 -27.79 -3.53 -25.09
C THR A 146 -28.06 -2.74 -23.81
N THR A 147 -28.71 -3.38 -22.85
CA THR A 147 -28.93 -2.79 -21.54
C THR A 147 -27.63 -2.82 -20.72
N ILE A 148 -27.37 -1.76 -19.97
CA ILE A 148 -26.21 -1.74 -19.09
C ILE A 148 -26.54 -2.57 -17.86
N PRO A 149 -25.65 -3.51 -17.48
CA PRO A 149 -25.93 -4.31 -16.30
C PRO A 149 -25.65 -3.54 -15.02
N GLN A 150 -26.28 -3.96 -13.93
CA GLN A 150 -26.08 -3.33 -12.63
C GLN A 150 -24.79 -3.87 -12.01
N MET A 151 -24.13 -3.07 -11.18
CA MET A 151 -22.85 -3.47 -10.56
C MET A 151 -22.61 -2.82 -9.19
N ASP A 152 -21.80 -3.45 -8.36
CA ASP A 152 -21.52 -2.93 -7.01
C ASP A 152 -20.05 -2.98 -6.56
N THR A 153 -19.16 -3.36 -7.48
CA THR A 153 -17.72 -3.39 -7.20
C THR A 153 -16.99 -2.72 -8.37
N PHE A 154 -15.94 -1.96 -8.06
CA PHE A 154 -15.24 -1.19 -9.08
C PHE A 154 -13.72 -1.15 -8.89
N LEU A 155 -13.00 -1.09 -10.01
CA LEU A 155 -11.58 -0.92 -9.97
C LEU A 155 -11.30 0.56 -9.67
N GLN A 156 -10.28 0.81 -8.88
CA GLN A 156 -9.90 2.19 -8.56
C GLN A 156 -9.12 2.79 -9.72
N LYS A 157 -9.87 3.43 -10.62
CA LYS A 157 -9.35 3.99 -11.86
C LYS A 157 -8.38 5.13 -11.58
N GLN A 158 -8.62 5.88 -10.51
CA GLN A 158 -7.77 7.02 -10.14
C GLN A 158 -6.33 6.60 -9.78
N GLU A 159 -6.20 5.71 -8.80
CA GLU A 159 -4.87 5.23 -8.38
C GLU A 159 -4.12 4.61 -9.55
N LEU A 160 -4.86 3.87 -10.37
CA LEU A 160 -4.30 3.23 -11.55
C LEU A 160 -3.57 4.21 -12.45
N GLU A 161 -4.20 5.35 -12.73
CA GLU A 161 -3.62 6.32 -13.66
C GLU A 161 -2.57 7.27 -13.06
N GLN A 162 -2.39 7.23 -11.75
CA GLN A 162 -1.33 8.00 -11.10
C GLN A 162 -0.02 7.25 -11.17
N ARG A 163 -0.06 5.93 -10.99
CA ARG A 163 1.15 5.10 -10.97
C ARG A 163 1.44 4.40 -12.28
N PHE A 164 0.41 4.21 -13.11
CA PHE A 164 0.55 3.43 -14.33
C PHE A 164 0.14 4.23 -15.56
N TYR A 165 0.61 3.77 -16.73
CA TYR A 165 0.25 4.37 -18.01
C TYR A 165 -0.18 3.29 -19.00
N ASP A 166 -1.06 3.66 -19.93
CA ASP A 166 -1.55 2.76 -20.96
C ASP A 166 -0.41 2.30 -21.86
N ASN A 167 -0.02 1.04 -21.71
CA ASN A 167 1.10 0.49 -22.48
C ASN A 167 0.62 -0.56 -23.50
N SER A 168 -0.63 -0.43 -23.93
CA SER A 168 -1.24 -1.39 -24.86
C SER A 168 -0.46 -1.63 -26.15
N ASP A 169 0.30 -0.65 -26.61
CA ASP A 169 1.14 -0.84 -27.79
C ASP A 169 2.10 -2.01 -27.59
N LYS A 170 2.23 -2.47 -26.34
CA LYS A 170 3.12 -3.57 -26.02
C LYS A 170 2.37 -4.81 -25.51
N LEU A 171 1.05 -4.79 -25.64
CA LEU A 171 0.22 -5.91 -25.19
C LEU A 171 0.64 -7.25 -25.81
N VAL A 172 0.70 -7.30 -27.14
CA VAL A 172 1.08 -8.52 -27.87
C VAL A 172 2.45 -9.03 -27.43
N ASP A 173 3.42 -8.13 -27.36
CA ASP A 173 4.77 -8.47 -26.90
C ASP A 173 4.77 -8.99 -25.46
N PHE A 174 3.87 -8.45 -24.64
CA PHE A 174 3.84 -8.76 -23.22
C PHE A 174 3.25 -10.12 -22.88
N LEU A 175 2.31 -10.58 -23.71
CA LEU A 175 1.66 -11.87 -23.46
C LEU A 175 2.54 -13.06 -23.87
N PRO A 176 2.26 -14.24 -23.31
CA PRO A 176 3.00 -15.45 -23.68
C PRO A 176 2.85 -15.72 -25.18
N SER A 177 3.91 -16.22 -25.79
CA SER A 177 3.93 -16.45 -27.24
C SER A 177 2.75 -17.25 -27.78
N SER A 178 2.52 -18.44 -27.23
CA SER A 178 1.52 -19.37 -27.76
C SER A 178 0.11 -18.81 -27.97
N ILE A 179 -0.22 -17.71 -27.29
CA ILE A 179 -1.55 -17.14 -27.41
C ILE A 179 -1.75 -16.37 -28.71
N GLN A 180 -2.91 -16.56 -29.33
CA GLN A 180 -3.24 -15.88 -30.58
C GLN A 180 -4.60 -15.20 -30.44
N LEU A 181 -4.71 -13.98 -30.94
CA LEU A 181 -5.96 -13.23 -30.84
C LEU A 181 -6.60 -13.00 -32.21
N GLU A 182 -7.90 -12.68 -32.20
CA GLU A 182 -8.68 -12.51 -33.42
C GLU A 182 -8.99 -11.05 -33.74
N GLY A 183 -7.99 -10.19 -33.57
CA GLY A 183 -8.18 -8.77 -33.88
C GLY A 183 -6.87 -8.06 -34.10
N ARG A 184 -6.97 -6.80 -34.50
CA ARG A 184 -5.81 -5.95 -34.67
C ARG A 184 -5.91 -4.79 -33.69
N LEU A 185 -4.76 -4.37 -33.16
CA LEU A 185 -4.70 -3.25 -32.22
C LEU A 185 -5.48 -2.05 -32.80
N THR A 186 -6.45 -1.56 -32.03
CA THR A 186 -7.32 -0.49 -32.50
C THR A 186 -7.56 0.58 -31.44
N SER A 187 -7.67 1.83 -31.88
CA SER A 187 -8.00 2.96 -31.01
C SER A 187 -9.42 3.45 -31.34
N GLN A 188 -10.29 3.44 -30.33
CA GLN A 188 -11.70 3.81 -30.51
C GLN A 188 -12.14 4.77 -29.41
N GLU A 189 -12.76 5.87 -29.80
CA GLU A 189 -13.27 6.81 -28.83
C GLU A 189 -14.61 6.32 -28.31
N TRP A 190 -14.75 6.25 -27.00
CA TRP A 190 -16.00 5.83 -26.40
C TRP A 190 -16.27 6.65 -25.14
N ASN A 191 -17.39 7.36 -25.15
CA ASN A 191 -17.78 8.25 -24.05
C ASN A 191 -16.67 9.19 -23.57
N GLY A 192 -15.95 9.76 -24.53
CA GLY A 192 -14.90 10.72 -24.22
C GLY A 192 -13.50 10.15 -24.07
N GLU A 193 -13.39 8.98 -23.43
CA GLU A 193 -12.06 8.38 -23.19
C GLU A 193 -11.54 7.54 -24.35
N LEU A 194 -10.22 7.40 -24.41
CA LEU A 194 -9.58 6.61 -25.45
C LEU A 194 -9.44 5.13 -25.03
N VAL A 195 -9.93 4.25 -25.89
CA VAL A 195 -9.86 2.82 -25.64
C VAL A 195 -8.94 2.21 -26.70
N LYS A 196 -7.79 1.70 -26.25
CA LYS A 196 -6.80 1.11 -27.13
C LYS A 196 -6.48 -0.33 -26.71
N GLY A 197 -6.57 -1.25 -27.66
CA GLY A 197 -6.31 -2.67 -27.41
C GLY A 197 -6.83 -3.56 -28.52
N LEU A 198 -7.06 -4.83 -28.19
CA LEU A 198 -7.55 -5.80 -29.17
C LEU A 198 -9.05 -6.00 -29.05
N PRO A 199 -9.79 -5.73 -30.15
CA PRO A 199 -11.26 -5.71 -30.17
C PRO A 199 -11.96 -7.07 -30.25
N VAL A 200 -13.04 -7.21 -29.49
CA VAL A 200 -13.88 -8.40 -29.54
C VAL A 200 -15.35 -8.02 -29.35
N GLN A 201 -16.25 -8.89 -29.79
CA GLN A 201 -17.69 -8.67 -29.65
C GLN A 201 -18.40 -10.00 -29.40
N GLU A 202 -19.18 -10.05 -28.32
CA GLU A 202 -19.96 -11.24 -27.98
C GLU A 202 -21.23 -10.81 -27.27
N LYS A 203 -22.33 -11.52 -27.54
CA LYS A 203 -23.63 -11.11 -27.03
C LYS A 203 -23.93 -9.70 -27.52
N GLY A 204 -24.19 -8.79 -26.59
CA GLY A 204 -24.45 -7.40 -26.93
C GLY A 204 -23.34 -6.49 -26.44
N TYR A 205 -22.12 -7.00 -26.46
CA TYR A 205 -20.98 -6.28 -25.93
C TYR A 205 -19.81 -6.16 -26.88
N GLN A 206 -19.11 -5.04 -26.74
CA GLN A 206 -17.88 -4.78 -27.46
C GLN A 206 -16.81 -4.68 -26.37
N PHE A 207 -15.67 -5.32 -26.56
CA PHE A 207 -14.60 -5.22 -25.56
C PHE A 207 -13.17 -5.26 -26.08
N TYR A 208 -12.24 -4.73 -25.28
CA TYR A 208 -10.84 -4.58 -25.67
C TYR A 208 -9.91 -5.08 -24.56
N PHE A 209 -8.91 -5.87 -24.94
CA PHE A 209 -7.87 -6.28 -24.00
C PHE A 209 -6.77 -5.21 -24.02
N THR A 210 -6.27 -4.84 -22.84
CA THR A 210 -5.27 -3.77 -22.73
C THR A 210 -4.17 -4.11 -21.72
N LEU A 211 -3.12 -3.28 -21.69
CA LEU A 211 -1.98 -3.46 -20.79
C LEU A 211 -1.51 -2.14 -20.15
N TYR A 212 -1.30 -2.16 -18.83
CA TYR A 212 -0.81 -0.99 -18.10
C TYR A 212 0.52 -1.25 -17.41
N THR A 213 1.40 -0.26 -17.45
CA THR A 213 2.75 -0.40 -16.91
C THR A 213 3.10 0.75 -15.95
N LYS A 214 3.92 0.46 -14.95
CA LYS A 214 4.34 1.46 -13.98
C LYS A 214 5.12 2.62 -14.63
N LYS A 215 4.93 3.83 -14.10
CA LYS A 215 5.61 5.02 -14.63
C LYS A 215 7.03 5.12 -14.10
N LEU A 216 7.87 5.90 -14.78
CA LEU A 216 9.24 6.11 -14.35
C LEU A 216 9.28 6.83 -13.01
N GLU A 217 10.34 6.60 -12.25
CA GLU A 217 10.53 7.23 -10.96
C GLU A 217 11.80 8.07 -10.92
N HIS A 218 11.74 9.18 -10.18
CA HIS A 218 12.91 10.01 -9.90
C HIS A 218 13.80 9.23 -8.94
N HIS A 219 15.09 9.57 -8.89
CA HIS A 219 16.02 8.93 -7.98
C HIS A 219 16.27 9.81 -6.75
N HIS A 220 15.53 9.51 -5.67
CA HIS A 220 15.61 10.29 -4.44
C HIS A 220 16.56 9.70 -3.40
N HIS A 221 16.64 8.36 -3.33
CA HIS A 221 17.54 7.71 -2.37
C HIS A 221 17.78 6.22 -2.62
N HIS A 222 19.02 5.79 -2.40
CA HIS A 222 19.42 4.39 -2.46
C HIS A 222 20.09 4.05 -1.15
N HIS A 223 19.68 2.95 -0.53
CA HIS A 223 20.20 2.59 0.78
C HIS A 223 21.66 2.09 0.78
N HIS A 224 22.51 2.83 1.49
CA HIS A 224 23.92 2.43 1.67
C HIS A 224 24.18 1.88 3.06
N HIS A 225 24.85 0.73 3.12
CA HIS A 225 25.14 0.06 4.38
C HIS A 225 26.59 0.22 4.84
N LYS B 1 -11.38 11.38 6.77
CA LYS B 1 -11.91 12.61 7.42
C LYS B 1 -11.01 13.03 8.58
N VAL B 2 -10.35 12.06 9.19
CA VAL B 2 -9.34 12.31 10.22
C VAL B 2 -7.96 12.17 9.57
N PRO B 3 -7.07 13.16 9.78
CA PRO B 3 -5.74 13.09 9.16
C PRO B 3 -4.86 11.96 9.72
N VAL B 4 -4.15 11.27 8.83
CA VAL B 4 -3.22 10.21 9.22
C VAL B 4 -1.79 10.75 9.07
N VAL B 5 -1.07 10.78 10.18
CA VAL B 5 0.27 11.35 10.21
C VAL B 5 1.28 10.32 10.74
N GLY B 6 2.38 10.14 10.02
CA GLY B 6 3.47 9.30 10.50
C GLY B 6 4.46 10.17 11.25
N ILE B 7 5.02 9.65 12.34
CA ILE B 7 6.03 10.41 13.10
C ILE B 7 7.24 9.53 13.44
N VAL B 8 8.44 10.06 13.22
CA VAL B 8 9.66 9.27 13.35
C VAL B 8 10.91 10.14 13.54
N ALA B 9 11.93 9.57 14.19
CA ALA B 9 13.23 10.22 14.36
C ALA B 9 14.29 9.40 13.62
N ALA B 10 14.96 10.03 12.65
CA ALA B 10 15.90 9.32 11.78
C ALA B 10 17.28 10.00 11.71
N LEU B 11 18.33 9.17 11.68
CA LEU B 11 19.69 9.69 11.59
C LEU B 11 20.13 9.77 10.14
N LEU B 12 20.43 10.97 9.66
CA LEU B 12 20.88 11.17 8.30
C LEU B 12 22.29 10.61 8.12
N PRO B 13 22.68 10.24 6.89
CA PRO B 13 21.92 10.40 5.63
C PRO B 13 21.08 9.20 5.23
N GLU B 14 21.28 8.07 5.90
CA GLU B 14 20.60 6.82 5.55
C GLU B 14 19.25 6.66 6.24
N MET B 15 18.98 7.56 7.19
CA MET B 15 17.72 7.55 7.94
C MET B 15 17.53 6.29 8.79
N GLY B 16 18.58 5.92 9.52
CA GLY B 16 18.50 4.82 10.45
C GLY B 16 17.60 5.19 11.61
N ILE B 17 16.75 4.26 12.02
CA ILE B 17 15.77 4.52 13.05
C ILE B 17 15.91 3.63 14.29
N GLY B 18 16.56 2.48 14.11
CA GLY B 18 16.74 1.54 15.21
C GLY B 18 17.87 0.55 15.01
N PHE B 19 18.31 -0.08 16.09
CA PHE B 19 19.35 -1.09 16.06
C PHE B 19 19.09 -2.15 17.12
N GLN B 20 19.03 -3.41 16.69
CA GLN B 20 18.80 -4.55 17.59
C GLN B 20 17.59 -4.36 18.50
N GLY B 21 16.47 -3.92 17.92
CA GLY B 21 15.21 -3.76 18.64
C GLY B 21 15.07 -2.49 19.47
N ASN B 22 16.09 -1.66 19.46
CA ASN B 22 16.07 -0.39 20.22
C ASN B 22 16.45 0.81 19.37
N LEU B 23 16.47 1.97 20.01
CA LEU B 23 16.93 3.20 19.39
C LEU B 23 18.46 3.24 19.50
N PRO B 24 19.14 3.76 18.46
CA PRO B 24 20.60 3.85 18.51
C PRO B 24 21.10 4.98 19.42
N TRP B 25 20.18 5.77 19.96
CA TRP B 25 20.55 6.90 20.80
C TRP B 25 19.61 7.06 21.98
N ARG B 26 19.96 7.97 22.89
CA ARG B 26 19.10 8.35 23.99
C ARG B 26 19.18 9.85 24.13
N LEU B 27 18.14 10.55 23.66
CA LEU B 27 18.13 11.99 23.71
C LEU B 27 16.85 12.51 24.33
N ALA B 28 16.97 13.03 25.56
CA ALA B 28 15.83 13.52 26.31
C ALA B 28 14.99 14.54 25.55
N LYS B 29 15.64 15.52 24.95
CA LYS B 29 14.91 16.55 24.21
C LYS B 29 14.10 16.01 23.03
N GLU B 30 14.57 14.94 22.40
CA GLU B 30 13.84 14.36 21.28
C GLU B 30 12.62 13.57 21.75
N MET B 31 12.74 12.92 22.91
CA MET B 31 11.64 12.16 23.50
C MET B 31 10.55 13.15 23.94
N LYS B 32 10.98 14.31 24.40
CA LYS B 32 10.10 15.39 24.86
C LYS B 32 9.20 15.89 23.73
N TYR B 33 9.80 16.10 22.55
CA TYR B 33 9.04 16.52 21.37
C TYR B 33 8.03 15.45 20.96
N PHE B 34 8.48 14.21 20.89
CA PHE B 34 7.63 13.10 20.52
C PHE B 34 6.42 12.94 21.47
N ARG B 35 6.68 13.04 22.77
CA ARG B 35 5.63 12.91 23.77
C ARG B 35 4.57 14.00 23.61
N GLU B 36 5.03 15.25 23.56
CA GLU B 36 4.13 16.39 23.46
C GLU B 36 3.30 16.45 22.17
N VAL B 37 3.91 16.10 21.04
CA VAL B 37 3.22 16.14 19.76
C VAL B 37 2.08 15.13 19.69
N THR B 38 2.37 13.89 20.06
CA THR B 38 1.38 12.82 19.98
C THR B 38 0.31 12.94 21.05
N THR B 39 0.65 13.56 22.17
CA THR B 39 -0.29 13.71 23.27
C THR B 39 -1.20 14.93 23.11
N LEU B 40 -0.62 16.10 22.87
CA LEU B 40 -1.39 17.32 22.76
C LEU B 40 -2.35 17.34 21.55
N THR B 41 -3.52 17.95 21.74
CA THR B 41 -4.49 18.15 20.66
C THR B 41 -5.05 19.57 20.75
N ASN B 42 -5.68 20.03 19.69
CA ASN B 42 -6.30 21.34 19.67
C ASN B 42 -7.66 21.37 20.35
N ASP B 43 -8.39 20.26 20.27
CA ASP B 43 -9.67 20.13 20.94
C ASP B 43 -9.51 19.25 22.18
N ASN B 44 -9.69 19.87 23.35
CA ASN B 44 -9.51 19.21 24.64
C ASN B 44 -10.35 17.95 24.86
N SER B 45 -11.42 17.81 24.08
CA SER B 45 -12.35 16.68 24.20
C SER B 45 -11.95 15.53 23.28
N LYS B 46 -10.84 15.70 22.58
CA LYS B 46 -10.37 14.67 21.67
C LYS B 46 -9.03 14.12 22.13
N GLN B 47 -8.70 12.94 21.65
CA GLN B 47 -7.39 12.36 21.87
C GLN B 47 -6.84 11.97 20.52
N ASN B 48 -5.55 11.70 20.47
CA ASN B 48 -4.93 11.22 19.26
C ASN B 48 -4.81 9.72 19.38
N VAL B 49 -4.74 9.04 18.24
CA VAL B 49 -4.48 7.61 18.24
C VAL B 49 -3.00 7.38 17.94
N VAL B 50 -2.40 6.41 18.63
CA VAL B 50 -1.05 5.98 18.30
C VAL B 50 -1.11 4.54 17.83
N ILE B 51 -0.78 4.33 16.55
CA ILE B 51 -0.74 2.98 15.98
C ILE B 51 0.71 2.53 15.79
N MET B 52 1.02 1.33 16.25
CA MET B 52 2.37 0.82 16.18
C MET B 52 2.40 -0.67 15.88
N GLY B 53 3.48 -1.12 15.28
CA GLY B 53 3.69 -2.53 15.03
C GLY B 53 3.90 -3.22 16.37
N ARG B 54 3.75 -4.54 16.39
CA ARG B 54 3.88 -5.29 17.61
C ARG B 54 5.31 -5.26 18.18
N LYS B 55 6.31 -5.14 17.31
CA LYS B 55 7.70 -5.15 17.77
C LYS B 55 8.14 -3.83 18.42
N THR B 56 7.53 -2.74 17.99
CA THR B 56 7.81 -1.43 18.57
C THR B 56 7.23 -1.38 19.98
N TRP B 57 6.09 -2.04 20.15
CA TRP B 57 5.41 -2.11 21.44
C TRP B 57 6.25 -2.82 22.51
N GLU B 58 6.91 -3.90 22.10
CA GLU B 58 7.72 -4.68 23.03
C GLU B 58 9.05 -4.00 23.34
N SER B 59 9.37 -2.95 22.58
CA SER B 59 10.61 -2.22 22.79
C SER B 59 10.43 -1.07 23.80
N ILE B 60 9.18 -0.73 24.08
CA ILE B 60 8.88 0.33 25.05
C ILE B 60 8.94 -0.22 26.46
N PRO B 61 9.72 0.43 27.34
CA PRO B 61 9.78 -0.02 28.73
C PRO B 61 8.38 -0.19 29.32
N GLN B 62 8.17 -1.30 30.02
CA GLN B 62 6.87 -1.63 30.58
C GLN B 62 6.28 -0.57 31.51
N LYS B 63 7.13 0.26 32.11
CA LYS B 63 6.67 1.34 32.97
C LYS B 63 5.97 2.45 32.19
N PHE B 64 6.35 2.62 30.92
CA PHE B 64 5.84 3.72 30.12
C PHE B 64 4.80 3.31 29.06
N ARG B 65 4.35 2.06 29.10
CA ARG B 65 3.35 1.56 28.12
C ARG B 65 2.10 0.97 28.78
N PRO B 66 0.91 1.21 28.18
CA PRO B 66 0.70 2.00 26.95
C PRO B 66 1.04 3.47 27.15
N LEU B 67 1.31 4.17 26.07
CA LEU B 67 1.63 5.59 26.16
C LEU B 67 0.43 6.36 26.69
N PRO B 68 0.64 7.14 27.77
CA PRO B 68 -0.42 7.87 28.46
C PRO B 68 -1.10 8.94 27.62
N LYS B 69 -2.40 9.13 27.87
CA LYS B 69 -3.22 10.18 27.23
C LYS B 69 -3.45 9.99 25.73
N ARG B 70 -3.05 8.83 25.20
CA ARG B 70 -3.24 8.53 23.78
C ARG B 70 -3.88 7.16 23.61
N ILE B 71 -4.79 7.04 22.65
CA ILE B 71 -5.37 5.74 22.32
C ILE B 71 -4.28 4.89 21.64
N ASN B 72 -3.94 3.76 22.25
CA ASN B 72 -2.94 2.85 21.71
C ASN B 72 -3.53 1.75 20.86
N VAL B 73 -2.94 1.55 19.69
CA VAL B 73 -3.37 0.50 18.80
C VAL B 73 -2.17 -0.31 18.34
N VAL B 74 -2.16 -1.59 18.70
CA VAL B 74 -1.08 -2.50 18.32
C VAL B 74 -1.63 -3.43 17.23
N VAL B 75 -0.93 -3.53 16.11
CA VAL B 75 -1.38 -4.36 15.00
C VAL B 75 -0.51 -5.61 14.83
N SER B 76 -1.17 -6.75 14.68
CA SER B 76 -0.48 -8.04 14.56
C SER B 76 -1.31 -9.01 13.71
N ARG B 77 -0.65 -9.69 12.77
CA ARG B 77 -1.32 -10.65 11.89
C ARG B 77 -1.96 -11.76 12.73
N SER B 78 -1.61 -11.80 14.02
CA SER B 78 -2.09 -12.83 14.94
C SER B 78 -3.28 -12.41 15.83
N PHE B 79 -3.81 -11.21 15.62
CA PHE B 79 -4.97 -10.76 16.41
C PHE B 79 -6.30 -11.15 15.72
N ASP B 80 -7.42 -10.85 16.37
CA ASP B 80 -8.74 -11.29 15.90
C ASP B 80 -9.42 -10.38 14.89
N GLY B 81 -10.18 -9.39 15.36
CA GLY B 81 -10.95 -8.51 14.48
C GLY B 81 -10.12 -7.45 13.78
N GLU B 82 -10.79 -6.53 13.12
CA GLU B 82 -10.10 -5.41 12.45
C GLU B 82 -9.79 -4.28 13.42
N LEU B 83 -10.47 -4.28 14.57
CA LEU B 83 -10.28 -3.31 15.65
C LEU B 83 -11.04 -3.80 16.87
N ARG B 84 -10.33 -4.00 17.97
CA ARG B 84 -10.90 -4.65 19.14
C ARG B 84 -10.19 -4.23 20.41
N LYS B 85 -10.96 -3.82 21.42
CA LYS B 85 -10.40 -3.44 22.71
C LYS B 85 -9.93 -4.69 23.45
N VAL B 86 -8.71 -4.64 24.00
CA VAL B 86 -8.19 -5.78 24.77
C VAL B 86 -7.91 -5.39 26.21
N GLU B 87 -7.60 -4.11 26.44
CA GLU B 87 -7.40 -3.57 27.78
C GLU B 87 -7.67 -2.07 27.80
N ASP B 88 -7.45 -1.45 28.95
CA ASP B 88 -7.70 -0.03 29.09
C ASP B 88 -6.64 0.79 28.37
N GLY B 89 -7.05 1.44 27.28
CA GLY B 89 -6.17 2.29 26.49
C GLY B 89 -5.48 1.53 25.38
N ILE B 90 -5.77 0.24 25.27
CA ILE B 90 -5.14 -0.62 24.27
C ILE B 90 -6.14 -1.31 23.34
N TYR B 91 -5.94 -1.12 22.04
CA TYR B 91 -6.73 -1.80 21.02
C TYR B 91 -5.83 -2.73 20.21
N HIS B 92 -6.38 -3.87 19.84
CA HIS B 92 -5.65 -4.83 19.01
C HIS B 92 -6.31 -4.95 17.65
N SER B 93 -5.50 -4.89 16.59
CA SER B 93 -6.00 -5.03 15.24
C SER B 93 -5.17 -6.02 14.42
N ASN B 94 -5.85 -6.76 13.54
CA ASN B 94 -5.16 -7.72 12.69
C ASN B 94 -4.81 -7.14 11.33
N SER B 95 -5.23 -5.90 11.09
CA SER B 95 -4.99 -5.24 9.80
C SER B 95 -4.84 -3.74 9.95
N LEU B 96 -3.69 -3.21 9.57
CA LEU B 96 -3.45 -1.77 9.57
C LEU B 96 -4.45 -1.03 8.67
N ARG B 97 -4.73 -1.61 7.50
CA ARG B 97 -5.67 -1.01 6.54
C ARG B 97 -7.12 -0.94 7.04
N ASN B 98 -7.67 -2.09 7.42
CA ASN B 98 -9.04 -2.15 7.93
C ASN B 98 -9.15 -1.35 9.22
N CYS B 99 -8.05 -1.36 9.98
CA CYS B 99 -7.96 -0.61 11.21
C CYS B 99 -8.26 0.87 10.95
N LEU B 100 -7.64 1.42 9.91
CA LEU B 100 -7.84 2.81 9.54
C LEU B 100 -9.25 3.10 9.05
N THR B 101 -9.80 2.24 8.20
CA THR B 101 -11.15 2.44 7.72
C THR B 101 -12.14 2.46 8.89
N ALA B 102 -11.97 1.53 9.82
CA ALA B 102 -12.82 1.45 11.00
C ALA B 102 -12.73 2.72 11.84
N LEU B 103 -11.50 3.19 12.09
CA LEU B 103 -11.30 4.42 12.84
C LEU B 103 -11.97 5.63 12.19
N GLN B 104 -11.97 5.68 10.86
CA GLN B 104 -12.54 6.81 10.10
C GLN B 104 -14.07 6.89 10.17
N SER B 105 -14.70 5.79 10.55
CA SER B 105 -16.16 5.73 10.66
C SER B 105 -16.65 6.66 11.77
N SER B 106 -17.42 7.69 11.38
CA SER B 106 -17.92 8.67 12.34
C SER B 106 -18.95 8.09 13.33
N LEU B 107 -19.54 6.95 12.99
CA LEU B 107 -20.45 6.28 13.91
C LEU B 107 -19.65 5.69 15.07
N ALA B 108 -18.52 5.07 14.74
CA ALA B 108 -17.64 4.42 15.71
C ALA B 108 -16.86 5.38 16.62
N ASN B 109 -16.18 6.35 16.01
CA ASN B 109 -15.34 7.29 16.76
C ASN B 109 -16.04 8.55 17.25
N GLU B 110 -17.30 8.72 16.84
CA GLU B 110 -18.09 9.88 17.26
C GLU B 110 -17.37 11.20 17.06
N ASN B 111 -16.52 11.25 16.05
CA ASN B 111 -15.72 12.45 15.78
C ASN B 111 -14.99 12.96 17.03
N LYS B 112 -14.42 12.05 17.81
CA LYS B 112 -13.66 12.42 19.01
C LYS B 112 -12.17 12.06 18.89
N ILE B 113 -11.73 11.82 17.67
CA ILE B 113 -10.32 11.55 17.37
C ILE B 113 -9.83 12.72 16.54
N GLU B 114 -8.83 13.45 17.04
CA GLU B 114 -8.29 14.57 16.30
C GLU B 114 -7.38 14.07 15.19
N ARG B 115 -6.38 13.27 15.57
CA ARG B 115 -5.43 12.72 14.61
C ARG B 115 -5.07 11.27 14.88
N ILE B 116 -4.60 10.61 13.83
CA ILE B 116 -4.12 9.25 13.93
C ILE B 116 -2.62 9.23 13.61
N TYR B 117 -1.81 8.93 14.64
CA TYR B 117 -0.36 8.87 14.48
C TYR B 117 0.17 7.45 14.33
N ILE B 118 0.99 7.25 13.32
CA ILE B 118 1.67 5.99 13.14
C ILE B 118 3.07 6.19 13.72
N ILE B 119 3.28 5.66 14.92
CA ILE B 119 4.49 5.96 15.70
C ILE B 119 5.62 4.94 15.65
N GLY B 120 5.55 3.96 14.78
CA GLY B 120 6.67 3.06 14.75
C GLY B 120 6.66 1.74 14.05
N GLY B 121 7.86 1.23 13.84
CA GLY B 121 8.09 0.01 13.13
C GLY B 121 8.56 0.35 11.73
N GLY B 122 9.71 -0.20 11.34
CA GLY B 122 10.18 -0.05 9.97
C GLY B 122 9.20 -0.74 9.05
N GLU B 123 8.69 -1.88 9.50
CA GLU B 123 7.72 -2.65 8.72
C GLU B 123 6.40 -1.90 8.63
N ILE B 124 6.03 -1.25 9.71
CA ILE B 124 4.82 -0.44 9.73
C ILE B 124 4.95 0.80 8.85
N TYR B 125 6.08 1.49 8.98
CA TYR B 125 6.35 2.71 8.20
C TYR B 125 6.32 2.48 6.68
N ARG B 126 6.76 1.31 6.23
CA ARG B 126 6.76 0.97 4.82
C ARG B 126 5.37 0.81 4.20
N GLN B 127 4.39 0.39 5.01
CA GLN B 127 3.01 0.23 4.54
C GLN B 127 2.19 1.51 4.72
N SER B 128 2.77 2.48 5.43
CA SER B 128 2.07 3.73 5.70
C SER B 128 2.21 4.76 4.58
N MET B 129 3.17 4.56 3.69
CA MET B 129 3.42 5.52 2.61
C MET B 129 2.16 5.88 1.81
N ASP B 130 1.31 4.87 1.53
CA ASP B 130 0.05 5.11 0.83
C ASP B 130 -1.03 5.65 1.73
N LEU B 131 -1.02 5.21 2.97
CA LEU B 131 -2.06 5.53 3.93
C LEU B 131 -1.96 6.93 4.54
N ALA B 132 -0.74 7.38 4.84
CA ALA B 132 -0.55 8.64 5.54
C ALA B 132 -0.79 9.88 4.70
N ASP B 133 -1.24 10.94 5.36
CA ASP B 133 -1.43 12.22 4.70
C ASP B 133 -0.18 13.08 4.87
N HIS B 134 0.50 12.94 6.01
CA HIS B 134 1.67 13.74 6.35
C HIS B 134 2.75 12.89 7.02
N TRP B 135 3.90 13.51 7.27
CA TRP B 135 5.01 12.86 7.98
C TRP B 135 5.77 13.84 8.87
N LEU B 136 5.91 13.51 10.14
CA LEU B 136 6.73 14.31 11.08
C LEU B 136 8.03 13.56 11.29
N ILE B 137 9.13 14.16 10.85
CA ILE B 137 10.41 13.49 10.85
C ILE B 137 11.49 14.29 11.54
N THR B 138 12.15 13.66 12.52
CA THR B 138 13.27 14.29 13.19
C THR B 138 14.57 13.82 12.55
N LYS B 139 15.23 14.75 11.84
CA LYS B 139 16.47 14.46 11.15
C LYS B 139 17.67 14.68 12.08
N ILE B 140 18.46 13.61 12.27
CA ILE B 140 19.58 13.67 13.23
C ILE B 140 20.97 13.57 12.58
N MET B 141 21.92 14.32 13.14
CA MET B 141 23.28 14.36 12.63
C MET B 141 24.29 14.36 13.77
N PRO B 142 25.24 13.40 13.75
CA PRO B 142 26.29 13.37 14.76
C PRO B 142 27.27 14.52 14.55
N LEU B 143 27.62 15.20 15.63
CA LEU B 143 28.60 16.29 15.55
C LEU B 143 29.98 15.73 15.19
N PRO B 144 30.88 16.59 14.67
CA PRO B 144 32.23 16.22 14.22
C PRO B 144 32.98 15.20 15.10
N GLU B 145 33.04 15.45 16.39
CA GLU B 145 33.77 14.59 17.32
C GLU B 145 33.01 13.32 17.75
N THR B 146 31.74 13.22 17.36
CA THR B 146 30.87 12.13 17.78
C THR B 146 30.95 10.91 16.86
N THR B 147 30.97 9.73 17.46
CA THR B 147 30.93 8.48 16.72
C THR B 147 29.54 8.25 16.13
N ILE B 148 29.48 7.76 14.89
CA ILE B 148 28.19 7.39 14.29
C ILE B 148 27.77 6.05 14.89
N PRO B 149 26.52 5.95 15.36
CA PRO B 149 26.07 4.69 15.95
C PRO B 149 25.71 3.68 14.87
N GLN B 150 25.72 2.39 15.25
CA GLN B 150 25.36 1.31 14.34
C GLN B 150 23.84 1.22 14.27
N MET B 151 23.30 0.77 13.12
CA MET B 151 21.85 0.68 12.90
C MET B 151 21.45 -0.43 11.94
N ASP B 152 20.23 -0.95 12.08
CA ASP B 152 19.75 -2.05 11.23
C ASP B 152 18.33 -1.89 10.66
N THR B 153 17.66 -0.79 10.96
CA THR B 153 16.37 -0.48 10.35
C THR B 153 16.36 0.96 9.84
N PHE B 154 15.69 1.17 8.71
CA PHE B 154 15.71 2.45 8.04
C PHE B 154 14.35 2.85 7.48
N LEU B 155 14.12 4.14 7.41
CA LEU B 155 12.92 4.66 6.79
C LEU B 155 13.16 4.62 5.28
N GLN B 156 12.13 4.29 4.52
CA GLN B 156 12.22 4.26 3.08
C GLN B 156 12.13 5.68 2.51
N LYS B 157 13.30 6.29 2.36
CA LYS B 157 13.45 7.67 1.93
C LYS B 157 12.96 7.86 0.50
N GLN B 158 13.09 6.82 -0.32
CA GLN B 158 12.68 6.88 -1.72
C GLN B 158 11.16 7.07 -1.90
N GLU B 159 10.37 6.18 -1.32
CA GLU B 159 8.90 6.29 -1.39
C GLU B 159 8.43 7.62 -0.82
N LEU B 160 9.02 8.00 0.30
CA LEU B 160 8.72 9.26 0.98
C LEU B 160 8.76 10.44 0.01
N GLU B 161 9.83 10.53 -0.77
CA GLU B 161 10.01 11.68 -1.65
C GLU B 161 9.30 11.63 -3.01
N GLN B 162 8.67 10.50 -3.32
CA GLN B 162 7.84 10.39 -4.53
C GLN B 162 6.43 10.89 -4.26
N ARG B 163 5.95 10.64 -3.05
CA ARG B 163 4.56 10.93 -2.70
C ARG B 163 4.43 12.16 -1.82
N PHE B 164 5.51 12.56 -1.16
CA PHE B 164 5.48 13.69 -0.23
C PHE B 164 6.56 14.72 -0.56
N TYR B 165 6.38 15.93 -0.03
CA TYR B 165 7.33 17.02 -0.21
C TYR B 165 7.61 17.70 1.13
N ASP B 166 8.81 18.25 1.28
CA ASP B 166 9.22 18.93 2.51
C ASP B 166 8.36 20.15 2.76
N ASN B 167 7.48 20.06 3.75
CA ASN B 167 6.56 21.15 4.08
C ASN B 167 6.90 21.80 5.41
N SER B 168 8.18 21.73 5.80
CA SER B 168 8.63 22.26 7.09
C SER B 168 8.29 23.74 7.35
N ASP B 169 8.18 24.53 6.29
CA ASP B 169 7.77 25.93 6.44
C ASP B 169 6.40 26.01 7.15
N LYS B 170 5.73 24.87 7.27
CA LYS B 170 4.43 24.81 7.92
C LYS B 170 4.44 23.98 9.20
N LEU B 171 5.64 23.57 9.65
CA LEU B 171 5.74 22.74 10.85
C LEU B 171 5.08 23.36 12.08
N VAL B 172 5.46 24.60 12.41
CA VAL B 172 4.91 25.28 13.58
C VAL B 172 3.38 25.40 13.51
N ASP B 173 2.86 25.80 12.35
CA ASP B 173 1.42 25.90 12.14
C ASP B 173 0.74 24.54 12.28
N PHE B 174 1.44 23.49 11.90
CA PHE B 174 0.87 22.15 11.88
C PHE B 174 0.76 21.50 13.25
N LEU B 175 1.66 21.85 14.16
CA LEU B 175 1.67 21.27 15.49
C LEU B 175 0.57 21.88 16.38
N PRO B 176 0.18 21.15 17.43
CA PRO B 176 -0.80 21.70 18.37
C PRO B 176 -0.28 22.99 19.00
N SER B 177 -1.19 23.91 19.29
CA SER B 177 -0.84 25.23 19.81
C SER B 177 0.07 25.23 21.05
N SER B 178 -0.35 24.51 22.08
CA SER B 178 0.33 24.55 23.38
C SER B 178 1.83 24.24 23.36
N ILE B 179 2.30 23.58 22.31
CA ILE B 179 3.72 23.20 22.21
C ILE B 179 4.61 24.39 21.86
N GLN B 180 5.74 24.49 22.56
CA GLN B 180 6.71 25.56 22.33
C GLN B 180 8.09 24.97 22.10
N LEU B 181 8.81 25.52 21.12
CA LEU B 181 10.14 25.02 20.77
C LEU B 181 11.22 26.03 21.09
N GLU B 182 12.46 25.55 21.20
CA GLU B 182 13.61 26.38 21.58
C GLU B 182 14.54 26.68 20.41
N GLY B 183 13.97 26.99 19.26
CA GLY B 183 14.78 27.33 18.09
C GLY B 183 14.00 28.11 17.07
N ARG B 184 14.69 28.53 16.02
CA ARG B 184 14.06 29.20 14.90
C ARG B 184 14.25 28.35 13.65
N LEU B 185 13.24 28.35 12.78
CA LEU B 185 13.31 27.61 11.52
C LEU B 185 14.65 27.91 10.83
N THR B 186 15.40 26.85 10.51
CA THR B 186 16.74 27.01 9.93
C THR B 186 17.01 26.05 8.78
N SER B 187 17.72 26.53 7.77
CA SER B 187 18.15 25.70 6.64
C SER B 187 19.68 25.50 6.72
N GLN B 188 20.10 24.25 6.80
CA GLN B 188 21.52 23.90 6.95
C GLN B 188 21.93 22.80 5.97
N GLU B 189 23.01 23.02 5.24
CA GLU B 189 23.50 21.99 4.33
C GLU B 189 24.28 20.96 5.12
N TRP B 190 23.97 19.69 4.90
CA TRP B 190 24.68 18.60 5.58
C TRP B 190 24.81 17.43 4.63
N ASN B 191 26.06 17.08 4.35
CA ASN B 191 26.39 15.99 3.43
C ASN B 191 25.63 16.05 2.09
N GLY B 192 25.52 17.27 1.55
CA GLY B 192 24.88 17.48 0.25
C GLY B 192 23.39 17.80 0.28
N GLU B 193 22.67 17.18 1.21
CA GLU B 193 21.21 17.36 1.31
C GLU B 193 20.83 18.60 2.13
N LEU B 194 19.65 19.12 1.86
CA LEU B 194 19.11 20.27 2.59
C LEU B 194 18.28 19.81 3.80
N VAL B 195 18.65 20.31 4.97
CA VAL B 195 17.95 20.00 6.21
C VAL B 195 17.27 21.28 6.70
N LYS B 196 15.93 21.26 6.73
CA LYS B 196 15.15 22.42 7.12
C LYS B 196 14.18 22.06 8.25
N GLY B 197 14.23 22.83 9.33
CA GLY B 197 13.37 22.60 10.50
C GLY B 197 13.86 23.33 11.74
N LEU B 198 13.40 22.89 12.90
CA LEU B 198 13.79 23.51 14.18
C LEU B 198 14.99 22.78 14.79
N PRO B 199 16.08 23.52 15.06
CA PRO B 199 17.36 22.96 15.49
C PRO B 199 17.49 22.65 16.98
N VAL B 200 18.13 21.53 17.29
CA VAL B 200 18.41 21.14 18.67
C VAL B 200 19.76 20.43 18.76
N GLN B 201 20.34 20.41 19.96
CA GLN B 201 21.63 19.76 20.19
C GLN B 201 21.66 19.14 21.60
N GLU B 202 21.97 17.85 21.66
CA GLU B 202 22.06 17.15 22.94
C GLU B 202 23.11 16.05 22.81
N LYS B 203 23.87 15.82 23.88
CA LYS B 203 25.01 14.91 23.82
C LYS B 203 25.96 15.37 22.72
N GLY B 204 26.23 14.49 21.76
CA GLY B 204 27.10 14.85 20.64
C GLY B 204 26.33 14.87 19.33
N TYR B 205 25.07 15.29 19.40
CA TYR B 205 24.19 15.27 18.24
C TYR B 205 23.53 16.60 17.96
N GLN B 206 23.28 16.83 16.68
CA GLN B 206 22.58 18.00 16.17
C GLN B 206 21.33 17.44 15.50
N PHE B 207 20.16 18.00 15.79
CA PHE B 207 18.93 17.50 15.15
C PHE B 207 17.87 18.54 14.79
N TYR B 208 17.01 18.20 13.84
CA TYR B 208 15.99 19.09 13.30
C TYR B 208 14.63 18.41 13.23
N PHE B 209 13.59 19.09 13.70
CA PHE B 209 12.23 18.57 13.56
C PHE B 209 11.69 19.08 12.22
N THR B 210 11.02 18.20 11.47
CA THR B 210 10.52 18.57 10.13
C THR B 210 9.11 18.03 9.85
N LEU B 211 8.52 18.49 8.75
CA LEU B 211 7.17 18.07 8.34
C LEU B 211 7.08 17.77 6.83
N TYR B 212 6.42 16.67 6.49
CA TYR B 212 6.22 16.28 5.08
C TYR B 212 4.74 16.12 4.77
N THR B 213 4.35 16.61 3.59
CA THR B 213 2.95 16.60 3.16
C THR B 213 2.80 15.95 1.79
N LYS B 214 1.66 15.32 1.54
CA LYS B 214 1.40 14.66 0.26
C LYS B 214 1.36 15.65 -0.92
N LYS B 215 1.82 15.19 -2.08
CA LYS B 215 1.87 16.02 -3.29
C LYS B 215 0.51 16.09 -3.95
N LEU B 216 0.31 17.12 -4.77
CA LEU B 216 -0.93 17.28 -5.51
C LEU B 216 -1.13 16.14 -6.50
N GLU B 217 -2.39 15.82 -6.79
CA GLU B 217 -2.71 14.74 -7.70
C GLU B 217 -3.53 15.24 -8.90
N HIS B 218 -3.28 14.65 -10.07
CA HIS B 218 -4.09 14.90 -11.25
C HIS B 218 -5.47 14.29 -11.05
N HIS B 219 -6.46 14.78 -11.79
CA HIS B 219 -7.82 14.25 -11.71
C HIS B 219 -8.10 13.28 -12.85
N HIS B 220 -7.94 11.99 -12.57
CA HIS B 220 -8.10 10.94 -13.57
C HIS B 220 -9.48 10.30 -13.58
N HIS B 221 -10.09 10.15 -12.40
CA HIS B 221 -11.43 9.55 -12.31
C HIS B 221 -12.14 9.76 -10.96
N HIS B 222 -13.45 9.97 -11.02
CA HIS B 222 -14.29 10.08 -9.84
C HIS B 222 -15.45 9.10 -10.03
N HIS B 223 -15.72 8.30 -9.00
CA HIS B 223 -16.75 7.27 -9.12
C HIS B 223 -18.19 7.79 -9.15
N HIS B 224 -18.87 7.53 -10.27
CA HIS B 224 -20.30 7.87 -10.42
C HIS B 224 -21.20 6.65 -10.27
N HIS B 225 -22.28 6.82 -9.53
CA HIS B 225 -23.17 5.71 -9.15
C HIS B 225 -24.45 5.71 -9.98
#